data_8YKH
#
_entry.id   8YKH
#
_cell.length_a   1.00
_cell.length_b   1.00
_cell.length_c   1.00
_cell.angle_alpha   90.00
_cell.angle_beta   90.00
_cell.angle_gamma   90.00
#
_symmetry.space_group_name_H-M   'P 1'
#
loop_
_entity.id
_entity.type
_entity.pdbx_description
1 polymer 'NT-108 scFv'
2 polymer 'Spike glycoprotein'
3 branched 2-acetamido-2-deoxy-beta-D-glucopyranose-(1-4)-2-acetamido-2-deoxy-beta-D-glucopyranose
#
loop_
_entity_poly.entity_id
_entity_poly.type
_entity_poly.pdbx_seq_one_letter_code
_entity_poly.pdbx_strand_id
1 'polypeptide(L)'
;EIVLTQSPGTLSLSPGERATLSCRASQSVSSTFLAWYQQKPGQAPRLLIYGASYMATGIPDRFSGSGSGTDFTLTISRLE
PEDFAVYYCQQYGSSLTFGGGTKLEIKGGGGSGGGGSGGGGSQVQLQQSGPGLVKPSQTLSLTCSISGDSVSSNSAAWNW
IRQSPSRGLEWLGRTYYRSKWYNDYAGTVKSRIAINPDTSKNQFSLHLNSVTPEDTAVYFCARVISVAGYAFDIWGQGTM
VTVSSHHHHHH
;
A
2 'polypeptide(L)'
;SSQCVNLTTRTQLPPAYTNSFTRGVYYPDKVFRSSVLHSTQDLFLPFFSNVTWFHAIHVSGTNGTKRFDNPVLPFNDGVY
FASTEKSNIIRGWIFGTTLDSKTQSLLIVNNATNVVIKVCEFQFCNDPFLGVYYHKNNKSWMESEFRVYSSANNCTFEYV
SQPFLMDLEGKQGNFKNLREFVFKNIDGYFKIYSKHTPINLVRDLPQGFSALEPLVDLPIGINITRFQTLLALHRSYLTP
GDSSSGWTAGAAAYYVGYLQPRTFLLKYNENGTITDAVDCALDPLSETKCTLKSFTVEKGIYQTSNFRVQPTESIVRFPN
ITNLCPFGEVFNATRFASVYAWNRKRISNCVADYSVLYNSASFSTFKCYGVSPTKLNDLCFTNVYADSFVIRGDEVRQIA
PGQTGKIADYNYKLPDDFTGCVIAWNSNNLDSKVGGNYNYLYRLFRKSNLKPFERDISTEIYQAGSTPCNGVEGFNCYFP
LQSYGFQPTNGVGYQPYRVVVLSFELLHAPATVCGPKKSTNLVKNKCVNFNFNGLTGTGVLTESNKKFLPFQQFGRDIAD
TTDAVRDPQTLEILDITPCSFGGVSVITPGTNTSNQVAVLYQDVNCTEVPVAIHADQLTPTWRVYSTGSNVFQTRAGCLI
GAEHVNNSYECDIPIGAGICASYQTQTNSPGSAGSVASQSIIAYTMSLGAENSVAYSNNSIAIPTNFTISVTTEILPVSM
TKTSVDCTMYICGDSTECSNLLLQYGSFCTQLNRALTGIAVEQDKNTQEVFAQVKQIYKTPPIKDFGGFNFSQILPDPSK
PSKRSPIEDLLFNKVTLADAGFIKQYGDCLGDIAARDLICAQKFNGLTVLPPLLTDEMIAQYTSALLAGTITSGWTFGAG
PALQIPFPMQMAYRFNGIGVTQNVLYENQKLIANQFNSAIGKIQDSLSSTPSALGKLQDVVNQNAQALNTLVKQLSSNFG
AISSVLNDILSRLDPPEAEVQIDRLITGRLQSLQTYVTQQLIRAAEIRASANLAATKMSECVLGQSKRVDFCGKGYHLMS
FPQSAPHGVVFLHVTYVPAQEKNFTTAPAICHDGKAHFPREGVFVSNGTHWFVTQRNFYEPQIITTDNTFVSGNCDVVIG
IVNNTVYDPLQPELDSFKEELDKYFKNHTSPDVDLGDISGINASVVNIQKEIDRLNEVAKNLNESLIDLQELGKYEQYI
;
B
#
# COMPACT_ATOMS: atom_id res chain seq x y z
N ILE A 2 -11.71 -11.11 15.30
CA ILE A 2 -10.75 -10.12 15.74
C ILE A 2 -11.49 -8.90 16.27
N VAL A 3 -11.05 -8.38 17.41
CA VAL A 3 -11.66 -7.21 18.04
C VAL A 3 -10.59 -6.16 18.26
N LEU A 4 -10.87 -4.92 17.88
CA LEU A 4 -9.96 -3.81 18.05
C LEU A 4 -10.42 -2.95 19.21
N THR A 5 -9.50 -2.61 20.10
CA THR A 5 -9.79 -1.77 21.26
C THR A 5 -8.95 -0.51 21.20
N GLN A 6 -9.60 0.64 21.33
CA GLN A 6 -8.91 1.91 21.36
C GLN A 6 -8.41 2.18 22.77
N SER A 7 -7.08 2.31 22.91
CA SER A 7 -6.51 2.37 24.25
C SER A 7 -6.75 3.72 24.92
N PRO A 8 -6.34 4.85 24.35
CA PRO A 8 -6.60 6.12 25.02
C PRO A 8 -8.07 6.50 24.89
N GLY A 9 -8.66 6.93 26.01
CA GLY A 9 -10.07 7.27 25.99
C GLY A 9 -10.32 8.64 25.40
N THR A 10 -9.74 9.68 25.99
CA THR A 10 -9.94 11.04 25.55
C THR A 10 -8.77 11.89 26.04
N LEU A 11 -8.28 12.77 25.17
CA LEU A 11 -7.12 13.58 25.47
C LEU A 11 -7.43 15.04 25.17
N SER A 12 -6.86 15.92 25.99
CA SER A 12 -6.97 17.37 25.78
C SER A 12 -5.57 17.95 25.76
N LEU A 13 -5.23 18.62 24.67
CA LEU A 13 -3.88 19.17 24.49
C LEU A 13 -3.97 20.64 24.12
N SER A 14 -2.82 21.21 23.81
CA SER A 14 -2.67 22.59 23.38
C SER A 14 -1.90 22.60 22.06
N PRO A 15 -2.02 23.67 21.28
CA PRO A 15 -1.25 23.73 20.03
C PRO A 15 0.24 23.65 20.28
N GLY A 16 0.93 22.92 19.41
CA GLY A 16 2.38 22.91 19.41
C GLY A 16 3.06 21.59 19.73
N GLU A 17 2.56 20.87 20.74
CA GLU A 17 3.22 19.65 21.19
C GLU A 17 2.71 18.45 20.41
N ARG A 18 2.99 17.25 20.90
CA ARG A 18 2.69 16.00 20.21
C ARG A 18 1.43 15.34 20.79
N ALA A 19 0.98 14.29 20.09
CA ALA A 19 -0.11 13.45 20.56
C ALA A 19 0.19 12.00 20.19
N THR A 20 -0.28 11.08 21.03
CA THR A 20 0.01 9.67 20.85
C THR A 20 -1.25 8.84 21.08
N LEU A 21 -1.63 8.05 20.08
CA LEU A 21 -2.79 7.18 20.16
C LEU A 21 -2.34 5.73 20.29
N SER A 22 -3.30 4.84 20.47
CA SER A 22 -2.97 3.42 20.58
C SER A 22 -4.18 2.57 20.23
N CYS A 23 -3.92 1.52 19.45
CA CYS A 23 -4.94 0.57 19.01
C CYS A 23 -4.42 -0.83 19.30
N ARG A 24 -5.26 -1.65 19.92
CA ARG A 24 -4.84 -2.98 20.37
C ARG A 24 -5.72 -4.04 19.71
N ALA A 25 -5.09 -5.10 19.22
CA ALA A 25 -5.80 -6.19 18.57
C ALA A 25 -5.97 -7.36 19.54
N SER A 26 -7.10 -8.05 19.43
CA SER A 26 -7.35 -9.20 20.28
C SER A 26 -6.36 -10.32 20.01
N GLN A 27 -6.05 -10.57 18.73
CA GLN A 27 -5.04 -11.54 18.36
C GLN A 27 -4.24 -11.00 17.18
N SER A 28 -3.33 -11.82 16.67
CA SER A 28 -2.38 -11.35 15.67
C SER A 28 -3.08 -11.05 14.35
N VAL A 29 -2.64 -9.98 13.69
CA VAL A 29 -3.13 -9.63 12.36
C VAL A 29 -2.05 -9.92 11.33
N SER A 30 -2.10 -11.11 10.74
CA SER A 30 -1.10 -11.51 9.76
C SER A 30 -1.22 -10.74 8.45
N SER A 31 -2.41 -10.25 8.13
CA SER A 31 -2.57 -9.50 6.89
C SER A 31 -1.89 -8.13 6.96
N THR A 32 -1.82 -7.54 8.14
CA THR A 32 -1.19 -6.24 8.37
C THR A 32 -1.76 -5.17 7.44
N PHE A 33 -3.04 -4.89 7.62
CA PHE A 33 -3.76 -3.91 6.81
C PHE A 33 -4.46 -2.89 7.69
N LEU A 34 -3.80 -2.48 8.77
CA LEU A 34 -4.38 -1.46 9.65
C LEU A 34 -4.40 -0.11 8.97
N ALA A 35 -5.50 0.61 9.15
CA ALA A 35 -5.66 1.92 8.54
C ALA A 35 -6.23 2.88 9.58
N TRP A 36 -5.93 4.16 9.39
CA TRP A 36 -6.33 5.21 10.32
C TRP A 36 -7.16 6.26 9.60
N TYR A 37 -8.33 6.57 10.15
CA TYR A 37 -9.26 7.51 9.57
C TYR A 37 -9.52 8.67 10.52
N GLN A 38 -9.68 9.87 9.96
CA GLN A 38 -10.01 11.06 10.72
C GLN A 38 -11.34 11.61 10.23
N GLN A 39 -12.25 11.91 11.16
CA GLN A 39 -13.58 12.38 10.82
C GLN A 39 -13.85 13.68 11.57
N LYS A 40 -14.23 14.71 10.81
CA LYS A 40 -14.78 15.93 11.37
C LYS A 40 -16.28 15.77 11.56
N PRO A 41 -16.88 16.54 12.47
CA PRO A 41 -18.34 16.47 12.64
C PRO A 41 -19.06 16.92 11.38
N GLY A 42 -20.13 16.19 11.04
CA GLY A 42 -20.93 16.52 9.89
C GLY A 42 -20.32 16.20 8.54
N GLN A 43 -19.22 15.44 8.51
CA GLN A 43 -18.51 15.14 7.28
C GLN A 43 -18.14 13.67 7.24
N ALA A 44 -17.89 13.18 6.02
CA ALA A 44 -17.47 11.81 5.84
C ALA A 44 -16.05 11.62 6.36
N PRO A 45 -15.72 10.42 6.84
CA PRO A 45 -14.36 10.16 7.30
C PRO A 45 -13.34 10.28 6.17
N ARG A 46 -12.10 10.59 6.55
CA ARG A 46 -11.01 10.77 5.62
C ARG A 46 -9.90 9.78 5.94
N LEU A 47 -9.25 9.26 4.91
CA LEU A 47 -8.16 8.30 5.10
C LEU A 47 -6.85 9.03 5.37
N LEU A 48 -6.09 8.50 6.33
CA LEU A 48 -4.78 9.06 6.68
C LEU A 48 -3.64 8.11 6.35
N ILE A 49 -3.66 6.89 6.90
CA ILE A 49 -2.56 5.95 6.74
C ILE A 49 -3.14 4.58 6.43
N TYR A 50 -2.55 3.90 5.45
CA TYR A 50 -2.83 2.51 5.14
C TYR A 50 -1.55 1.69 5.26
N GLY A 51 -1.70 0.43 5.63
CA GLY A 51 -0.52 -0.39 5.85
C GLY A 51 0.22 -0.07 7.12
N ALA A 52 -0.34 0.80 7.97
CA ALA A 52 0.19 1.20 9.27
C ALA A 52 1.39 2.13 9.16
N SER A 53 1.93 2.30 7.96
CA SER A 53 3.08 3.19 7.81
C SER A 53 3.01 4.15 6.64
N TYR A 54 2.30 3.83 5.56
CA TYR A 54 2.40 4.60 4.33
C TYR A 54 1.38 5.73 4.32
N MET A 55 1.78 6.87 3.78
CA MET A 55 0.95 8.05 3.79
C MET A 55 -0.06 8.02 2.64
N ALA A 56 -1.17 8.72 2.83
CA ALA A 56 -2.22 8.80 1.83
C ALA A 56 -1.99 10.01 0.94
N THR A 57 -2.98 10.34 0.10
CA THR A 57 -2.84 11.43 -0.86
C THR A 57 -3.09 12.77 -0.17
N GLY A 58 -2.17 13.71 -0.39
CA GLY A 58 -2.34 15.06 0.13
C GLY A 58 -2.39 15.14 1.64
N ILE A 59 -1.46 14.46 2.31
CA ILE A 59 -1.43 14.40 3.77
C ILE A 59 -0.09 14.95 4.23
N PRO A 60 -0.05 15.88 5.19
CA PRO A 60 1.24 16.39 5.66
C PRO A 60 2.05 15.32 6.37
N ASP A 61 3.28 15.70 6.72
CA ASP A 61 4.22 14.77 7.33
C ASP A 61 4.10 14.69 8.85
N ARG A 62 3.21 15.47 9.46
CA ARG A 62 3.07 15.40 10.91
C ARG A 62 2.62 14.02 11.37
N PHE A 63 1.66 13.44 10.66
CA PHE A 63 1.12 12.14 11.04
C PHE A 63 2.15 11.05 10.79
N SER A 64 2.34 10.16 11.77
CA SER A 64 3.20 9.01 11.57
C SER A 64 2.55 7.79 12.19
N GLY A 65 2.76 6.63 11.57
CA GLY A 65 2.18 5.39 12.05
C GLY A 65 3.25 4.37 12.36
N SER A 66 2.97 3.51 13.34
CA SER A 66 3.91 2.44 13.66
C SER A 66 3.13 1.32 14.35
N GLY A 67 3.82 0.22 14.56
CA GLY A 67 3.25 -0.93 15.23
C GLY A 67 3.20 -2.16 14.32
N SER A 68 2.93 -3.29 14.96
CA SER A 68 2.91 -4.57 14.28
C SER A 68 2.46 -5.64 15.26
N GLY A 69 1.89 -6.72 14.73
CA GLY A 69 1.52 -7.84 15.58
C GLY A 69 0.15 -7.68 16.19
N THR A 70 0.12 -7.22 17.45
CA THR A 70 -1.12 -7.01 18.16
C THR A 70 -1.29 -5.59 18.69
N ASP A 71 -0.33 -4.70 18.44
CA ASP A 71 -0.42 -3.32 18.87
C ASP A 71 -0.03 -2.38 17.73
N PHE A 72 -0.61 -1.18 17.76
CA PHE A 72 -0.34 -0.16 16.75
C PHE A 72 -0.50 1.21 17.38
N THR A 73 0.15 2.21 16.80
CA THR A 73 0.17 3.54 17.37
C THR A 73 0.26 4.60 16.27
N LEU A 74 -0.38 5.73 16.52
CA LEU A 74 -0.38 6.89 15.63
C LEU A 74 0.16 8.08 16.41
N THR A 75 1.00 8.88 15.76
CA THR A 75 1.69 9.97 16.43
C THR A 75 1.49 11.26 15.64
N ILE A 76 1.19 12.33 16.37
CA ILE A 76 0.96 13.65 15.80
C ILE A 76 2.10 14.55 16.28
N SER A 77 2.90 15.06 15.34
CA SER A 77 4.10 15.80 15.71
C SER A 77 3.77 17.17 16.28
N ARG A 78 2.85 17.90 15.65
CA ARG A 78 2.57 19.28 16.02
C ARG A 78 1.10 19.54 15.74
N LEU A 79 0.32 19.71 16.80
CA LEU A 79 -1.12 19.85 16.65
C LEU A 79 -1.48 21.24 16.10
N GLU A 80 -2.66 21.31 15.49
CA GLU A 80 -3.20 22.48 14.86
C GLU A 80 -4.61 22.71 15.40
N PRO A 81 -5.06 23.95 15.50
CA PRO A 81 -6.41 24.18 16.05
C PRO A 81 -7.54 23.54 15.25
N GLU A 82 -7.29 23.13 14.01
CA GLU A 82 -8.33 22.49 13.22
C GLU A 82 -8.42 20.99 13.46
N ASP A 83 -7.57 20.41 14.32
CA ASP A 83 -7.56 18.98 14.59
C ASP A 83 -8.65 18.55 15.57
N PHE A 84 -9.68 19.36 15.76
CA PHE A 84 -10.87 18.97 16.52
C PHE A 84 -11.64 17.91 15.74
N ALA A 85 -11.40 16.65 16.05
CA ALA A 85 -11.95 15.57 15.22
C ALA A 85 -12.02 14.29 16.02
N VAL A 86 -12.30 13.19 15.33
CA VAL A 86 -12.32 11.85 15.90
C VAL A 86 -11.47 10.95 15.03
N TYR A 87 -10.74 10.03 15.65
CA TYR A 87 -9.79 9.18 14.94
C TYR A 87 -10.12 7.72 15.20
N TYR A 88 -10.24 6.94 14.13
CA TYR A 88 -10.66 5.55 14.20
C TYR A 88 -9.50 4.61 13.88
N CYS A 89 -9.78 3.32 13.78
CA CYS A 89 -8.77 2.30 13.59
C CYS A 89 -9.44 1.11 12.94
N GLN A 90 -9.04 0.78 11.71
CA GLN A 90 -9.73 -0.24 10.93
C GLN A 90 -8.76 -1.33 10.53
N GLN A 91 -9.28 -2.56 10.43
CA GLN A 91 -8.45 -3.69 10.01
C GLN A 91 -9.16 -4.47 8.91
N TYR A 92 -8.39 -5.32 8.24
CA TYR A 92 -8.91 -6.21 7.22
C TYR A 92 -8.14 -7.52 7.24
N GLY A 93 -8.79 -8.59 6.81
CA GLY A 93 -8.20 -9.91 6.82
C GLY A 93 -9.26 -10.98 6.81
N SER A 94 -9.20 -11.92 7.75
CA SER A 94 -10.26 -12.91 7.88
C SER A 94 -11.59 -12.29 8.29
N SER A 95 -11.58 -11.04 8.76
CA SER A 95 -12.80 -10.31 9.06
C SER A 95 -12.50 -8.82 8.94
N LEU A 96 -13.56 -8.04 8.77
CA LEU A 96 -13.45 -6.59 8.58
C LEU A 96 -14.08 -5.91 9.79
N THR A 97 -13.26 -5.27 10.61
CA THR A 97 -13.74 -4.62 11.83
C THR A 97 -13.10 -3.26 12.02
N PHE A 98 -13.91 -2.33 12.52
CA PHE A 98 -13.47 -0.99 12.88
C PHE A 98 -13.05 -0.95 14.34
N GLY A 99 -12.86 0.26 14.88
CA GLY A 99 -12.51 0.41 16.27
C GLY A 99 -13.36 1.50 16.90
N GLY A 100 -13.24 1.60 18.23
CA GLY A 100 -14.02 2.60 18.96
C GLY A 100 -13.65 4.02 18.59
N GLY A 101 -12.36 4.32 18.54
CA GLY A 101 -11.92 5.66 18.16
C GLY A 101 -11.80 6.63 19.32
N THR A 102 -10.98 7.66 19.14
CA THR A 102 -10.71 8.66 20.17
C THR A 102 -11.17 10.02 19.67
N LYS A 103 -11.84 10.77 20.54
CA LYS A 103 -12.18 12.17 20.27
C LYS A 103 -11.05 13.05 20.73
N LEU A 104 -10.55 13.90 19.84
CA LEU A 104 -9.47 14.83 20.16
C LEU A 104 -9.98 16.24 19.94
N GLU A 105 -9.86 17.07 20.97
CA GLU A 105 -10.30 18.46 20.95
C GLU A 105 -9.15 19.36 21.34
N ILE A 106 -9.15 20.59 20.83
CA ILE A 106 -8.07 21.53 21.05
C ILE A 106 -8.64 22.77 21.72
N LYS A 107 -7.76 23.49 22.43
CA LYS A 107 -8.16 24.70 23.14
C LYS A 107 -7.20 25.84 22.83
N SER A 122 -9.75 12.88 -5.57
CA SER A 122 -10.52 14.06 -5.95
C SER A 122 -10.99 13.96 -7.40
N GLN A 123 -10.41 13.02 -8.13
CA GLN A 123 -10.78 12.84 -9.54
C GLN A 123 -11.93 11.86 -9.73
N VAL A 124 -12.35 11.17 -8.67
CA VAL A 124 -13.46 10.24 -8.71
C VAL A 124 -14.44 10.64 -7.62
N GLN A 125 -15.72 10.73 -7.98
CA GLN A 125 -16.74 11.19 -7.05
C GLN A 125 -17.87 10.18 -6.94
N LEU A 126 -18.40 10.05 -5.73
CA LEU A 126 -19.52 9.16 -5.42
C LEU A 126 -20.68 10.03 -4.94
N GLN A 127 -21.85 9.82 -5.52
CA GLN A 127 -23.02 10.62 -5.16
C GLN A 127 -24.16 9.70 -4.74
N GLN A 128 -24.77 9.99 -3.60
CA GLN A 128 -25.81 9.13 -3.04
C GLN A 128 -27.20 9.68 -3.31
N SER A 129 -28.16 8.77 -3.43
CA SER A 129 -29.55 9.14 -3.64
C SER A 129 -30.45 8.08 -3.01
N GLY A 130 -31.66 8.49 -2.66
CA GLY A 130 -32.63 7.60 -2.06
C GLY A 130 -33.46 8.27 -0.99
N PRO A 131 -34.57 7.65 -0.62
CA PRO A 131 -35.41 8.22 0.44
C PRO A 131 -34.72 8.19 1.79
N GLY A 132 -35.03 9.19 2.62
CA GLY A 132 -34.43 9.29 3.93
C GLY A 132 -35.36 8.85 5.06
N LEU A 133 -36.63 8.62 4.74
CA LEU A 133 -37.63 8.21 5.71
C LEU A 133 -38.42 7.05 5.14
N VAL A 134 -38.66 6.02 5.97
CA VAL A 134 -39.37 4.83 5.53
C VAL A 134 -40.29 4.35 6.65
N LYS A 135 -41.44 3.82 6.25
CA LYS A 135 -42.37 3.17 7.16
C LYS A 135 -41.77 1.86 7.67
N PRO A 136 -41.85 1.59 8.98
CA PRO A 136 -41.31 0.33 9.49
C PRO A 136 -41.93 -0.88 8.82
N SER A 137 -41.14 -1.96 8.75
CA SER A 137 -41.52 -3.18 8.07
C SER A 137 -41.77 -2.96 6.58
N GLN A 138 -40.87 -2.21 5.94
CA GLN A 138 -40.90 -1.96 4.51
C GLN A 138 -39.51 -2.14 3.93
N THR A 139 -39.36 -1.77 2.67
CA THR A 139 -38.10 -1.92 1.94
C THR A 139 -37.37 -0.59 1.87
N LEU A 140 -36.06 -0.62 2.11
CA LEU A 140 -35.20 0.55 2.01
C LEU A 140 -34.30 0.39 0.79
N SER A 141 -34.24 1.43 -0.03
CA SER A 141 -33.45 1.39 -1.25
C SER A 141 -32.57 2.63 -1.34
N LEU A 142 -31.27 2.42 -1.59
CA LEU A 142 -30.32 3.51 -1.78
C LEU A 142 -29.53 3.24 -3.06
N THR A 143 -29.00 4.31 -3.65
CA THR A 143 -28.22 4.19 -4.87
C THR A 143 -27.00 5.09 -4.78
N CYS A 144 -25.86 4.61 -5.32
CA CYS A 144 -24.60 5.35 -5.27
C CYS A 144 -24.03 5.44 -6.69
N SER A 145 -24.21 6.61 -7.31
CA SER A 145 -23.72 6.86 -8.65
C SER A 145 -22.24 7.21 -8.64
N ILE A 146 -21.53 6.74 -9.67
CA ILE A 146 -20.08 6.88 -9.79
C ILE A 146 -19.79 7.85 -10.94
N SER A 147 -18.89 8.80 -10.69
CA SER A 147 -18.40 9.68 -11.74
C SER A 147 -16.88 9.63 -11.75
N GLY A 148 -16.31 9.23 -12.87
CA GLY A 148 -14.86 9.16 -13.03
C GLY A 148 -14.28 7.77 -13.11
N ASP A 149 -15.10 6.73 -13.08
CA ASP A 149 -14.59 5.36 -13.14
C ASP A 149 -15.71 4.43 -13.61
N SER A 150 -15.32 3.21 -13.96
CA SER A 150 -16.25 2.17 -14.40
C SER A 150 -16.50 1.20 -13.26
N VAL A 151 -17.78 0.90 -13.00
CA VAL A 151 -18.15 0.06 -11.88
C VAL A 151 -17.62 -1.35 -12.02
N SER A 152 -17.33 -1.78 -13.25
CA SER A 152 -16.85 -3.13 -13.50
C SER A 152 -15.33 -3.19 -13.57
N SER A 153 -14.65 -2.32 -12.81
CA SER A 153 -13.19 -2.30 -12.83
C SER A 153 -12.62 -3.60 -12.29
N ASN A 154 -11.44 -3.95 -12.79
CA ASN A 154 -10.83 -5.23 -12.42
C ASN A 154 -10.23 -5.18 -11.01
N SER A 155 -9.74 -4.02 -10.58
CA SER A 155 -8.99 -3.94 -9.34
C SER A 155 -9.64 -3.01 -8.31
N ALA A 156 -10.95 -3.17 -8.11
CA ALA A 156 -11.65 -2.36 -7.13
C ALA A 156 -12.84 -3.14 -6.58
N ALA A 157 -13.31 -2.73 -5.41
CA ALA A 157 -14.49 -3.30 -4.80
C ALA A 157 -15.35 -2.19 -4.23
N TRP A 158 -16.67 -2.40 -4.23
CA TRP A 158 -17.61 -1.38 -3.79
C TRP A 158 -18.32 -1.86 -2.53
N ASN A 159 -18.27 -1.04 -1.48
CA ASN A 159 -18.72 -1.44 -0.15
C ASN A 159 -19.99 -0.70 0.23
N TRP A 160 -20.49 -1.00 1.43
CA TRP A 160 -21.54 -0.20 2.06
C TRP A 160 -21.27 -0.13 3.55
N ILE A 161 -21.19 1.08 4.09
CA ILE A 161 -20.90 1.28 5.52
C ILE A 161 -22.06 2.06 6.13
N ARG A 162 -22.34 1.78 7.40
CA ARG A 162 -23.35 2.54 8.12
C ARG A 162 -22.83 2.84 9.53
N GLN A 163 -23.30 3.94 10.08
CA GLN A 163 -22.86 4.43 11.39
C GLN A 163 -24.08 4.83 12.22
N SER A 164 -24.08 4.41 13.47
CA SER A 164 -25.04 4.83 14.47
C SER A 164 -24.31 5.07 15.78
N PRO A 165 -24.76 6.04 16.58
CA PRO A 165 -24.06 6.32 17.84
C PRO A 165 -24.01 5.15 18.80
N SER A 166 -25.03 4.29 18.80
CA SER A 166 -25.06 3.19 19.75
C SER A 166 -24.10 2.07 19.37
N ARG A 167 -23.83 1.89 18.07
CA ARG A 167 -22.99 0.79 17.61
C ARG A 167 -21.72 1.24 16.89
N GLY A 168 -21.56 2.52 16.61
CA GLY A 168 -20.37 2.99 15.93
C GLY A 168 -20.41 2.72 14.44
N LEU A 169 -19.25 2.41 13.85
CA LEU A 169 -19.15 2.16 12.43
C LEU A 169 -19.26 0.66 12.16
N GLU A 170 -20.15 0.30 11.25
CA GLU A 170 -20.49 -1.09 10.98
C GLU A 170 -20.38 -1.38 9.48
N TRP A 171 -19.84 -2.54 9.15
CA TRP A 171 -19.72 -2.97 7.76
C TRP A 171 -20.94 -3.81 7.38
N LEU A 172 -21.56 -3.47 6.26
CA LEU A 172 -22.78 -4.14 5.82
C LEU A 172 -22.52 -5.19 4.74
N GLY A 173 -21.92 -4.80 3.63
CA GLY A 173 -21.70 -5.74 2.55
C GLY A 173 -20.87 -5.13 1.45
N ARG A 174 -20.57 -5.95 0.45
CA ARG A 174 -19.70 -5.52 -0.64
C ARG A 174 -19.96 -6.33 -1.89
N THR A 175 -19.55 -5.77 -3.02
CA THR A 175 -19.63 -6.46 -4.30
C THR A 175 -18.41 -6.10 -5.15
N TYR A 176 -18.09 -7.00 -6.09
CA TYR A 176 -17.01 -6.74 -7.03
C TYR A 176 -17.13 -7.71 -8.20
N TYR A 177 -16.16 -7.64 -9.11
CA TYR A 177 -16.20 -8.38 -10.36
C TYR A 177 -14.79 -8.67 -10.81
N ARG A 178 -14.45 -9.95 -10.96
CA ARG A 178 -13.18 -10.36 -11.52
C ARG A 178 -13.37 -11.09 -12.85
N SER A 179 -14.13 -12.16 -12.85
CA SER A 179 -14.63 -12.80 -14.07
C SER A 179 -16.15 -12.76 -14.16
N LYS A 180 -16.83 -13.05 -13.04
CA LYS A 180 -18.24 -12.77 -12.91
C LYS A 180 -18.45 -11.94 -11.66
N TRP A 181 -19.69 -11.73 -11.24
CA TRP A 181 -19.99 -10.88 -10.10
C TRP A 181 -19.93 -11.67 -8.81
N TYR A 182 -19.33 -11.08 -7.78
CA TYR A 182 -19.18 -11.70 -6.48
C TYR A 182 -19.69 -10.74 -5.41
N ASN A 183 -20.40 -11.29 -4.43
CA ASN A 183 -20.97 -10.52 -3.35
C ASN A 183 -20.60 -11.14 -2.01
N ASP A 184 -20.51 -10.28 -0.98
CA ASP A 184 -20.33 -10.72 0.39
C ASP A 184 -21.16 -9.84 1.31
N TYR A 185 -21.61 -10.42 2.42
CA TYR A 185 -22.44 -9.68 3.36
C TYR A 185 -22.05 -10.07 4.78
N ALA A 186 -22.28 -9.13 5.70
CA ALA A 186 -22.00 -9.38 7.11
C ALA A 186 -23.01 -10.38 7.69
N GLY A 187 -22.53 -11.18 8.64
CA GLY A 187 -23.35 -12.25 9.19
C GLY A 187 -24.63 -11.76 9.84
N THR A 188 -24.59 -10.57 10.44
CA THR A 188 -25.77 -10.05 11.13
C THR A 188 -26.93 -9.81 10.15
N VAL A 189 -26.62 -9.39 8.93
CA VAL A 189 -27.63 -8.91 7.99
C VAL A 189 -27.77 -9.83 6.79
N LYS A 190 -27.26 -11.06 6.85
CA LYS A 190 -27.24 -11.92 5.67
C LYS A 190 -28.64 -12.18 5.13
N SER A 191 -29.61 -12.42 6.01
CA SER A 191 -30.91 -12.91 5.57
C SER A 191 -31.76 -11.86 4.86
N ARG A 192 -31.42 -10.57 4.96
CA ARG A 192 -32.35 -9.56 4.46
C ARG A 192 -31.66 -8.42 3.70
N ILE A 193 -30.57 -8.68 3.00
CA ILE A 193 -29.83 -7.63 2.31
C ILE A 193 -29.60 -8.03 0.86
N ALA A 194 -29.56 -7.04 -0.03
CA ALA A 194 -29.22 -7.29 -1.43
C ALA A 194 -28.48 -6.09 -2.00
N ILE A 195 -27.52 -6.37 -2.88
CA ILE A 195 -26.76 -5.32 -3.58
C ILE A 195 -26.82 -5.63 -5.06
N ASN A 196 -27.20 -4.63 -5.86
CA ASN A 196 -27.38 -4.81 -7.29
C ASN A 196 -26.59 -3.78 -8.07
N PRO A 197 -25.71 -4.19 -8.97
CA PRO A 197 -25.03 -3.24 -9.85
C PRO A 197 -25.81 -3.01 -11.15
N ASP A 198 -25.42 -1.96 -11.86
CA ASP A 198 -26.04 -1.62 -13.13
C ASP A 198 -24.98 -0.92 -13.98
N THR A 199 -24.39 -1.65 -14.92
CA THR A 199 -23.33 -1.10 -15.76
C THR A 199 -23.87 -0.17 -16.83
N SER A 200 -25.15 -0.33 -17.22
CA SER A 200 -25.71 0.52 -18.25
C SER A 200 -25.69 1.99 -17.84
N LYS A 201 -26.09 2.26 -16.59
CA LYS A 201 -26.02 3.59 -16.02
C LYS A 201 -24.95 3.73 -14.95
N ASN A 202 -24.10 2.71 -14.78
CA ASN A 202 -22.87 2.81 -13.98
C ASN A 202 -23.16 3.20 -12.54
N GLN A 203 -23.97 2.38 -11.86
CA GLN A 203 -24.31 2.63 -10.46
C GLN A 203 -24.42 1.31 -9.73
N PHE A 204 -24.56 1.39 -8.41
CA PHE A 204 -24.87 0.22 -7.60
C PHE A 204 -25.81 0.65 -6.47
N SER A 205 -26.74 -0.25 -6.14
CA SER A 205 -27.82 0.06 -5.23
C SER A 205 -27.90 -0.99 -4.14
N LEU A 206 -28.42 -0.57 -2.99
CA LEU A 206 -28.61 -1.39 -1.82
C LEU A 206 -30.08 -1.49 -1.48
N HIS A 207 -30.54 -2.71 -1.20
CA HIS A 207 -31.94 -2.99 -0.91
C HIS A 207 -32.05 -3.80 0.37
N LEU A 208 -32.99 -3.40 1.22
CA LEU A 208 -33.35 -4.12 2.44
C LEU A 208 -34.85 -4.39 2.41
N ASN A 209 -35.22 -5.66 2.35
CA ASN A 209 -36.64 -6.00 2.23
C ASN A 209 -37.42 -5.61 3.49
N SER A 210 -36.86 -5.85 4.67
CA SER A 210 -37.53 -5.58 5.93
C SER A 210 -36.67 -4.66 6.78
N VAL A 211 -37.32 -3.75 7.51
CA VAL A 211 -36.64 -2.74 8.30
C VAL A 211 -37.19 -2.78 9.73
N THR A 212 -36.35 -2.34 10.66
CA THR A 212 -36.65 -2.37 12.08
C THR A 212 -36.30 -1.02 12.68
N PRO A 213 -36.87 -0.68 13.85
CA PRO A 213 -36.63 0.65 14.42
C PRO A 213 -35.18 0.98 14.68
N GLU A 214 -34.38 -0.01 15.08
CA GLU A 214 -32.97 0.24 15.39
C GLU A 214 -32.14 0.54 14.14
N ASP A 215 -32.70 0.37 12.95
CA ASP A 215 -31.94 0.55 11.72
C ASP A 215 -31.61 2.01 11.43
N THR A 216 -32.18 2.95 12.18
CA THR A 216 -31.90 4.36 12.00
C THR A 216 -30.40 4.64 12.08
N ALA A 217 -29.80 5.08 10.98
CA ALA A 217 -28.36 5.27 10.91
C ALA A 217 -28.02 6.08 9.68
N VAL A 218 -26.74 6.42 9.56
CA VAL A 218 -26.24 7.19 8.42
C VAL A 218 -25.39 6.27 7.55
N TYR A 219 -25.65 6.27 6.25
CA TYR A 219 -25.06 5.32 5.32
C TYR A 219 -24.12 6.02 4.36
N PHE A 220 -22.99 5.35 4.08
CA PHE A 220 -22.00 5.79 3.11
C PHE A 220 -21.69 4.65 2.15
N CYS A 221 -21.32 5.01 0.93
CA CYS A 221 -20.82 4.06 -0.06
C CYS A 221 -19.36 4.39 -0.35
N ALA A 222 -18.52 3.36 -0.39
CA ALA A 222 -17.07 3.56 -0.44
C ALA A 222 -16.43 2.65 -1.47
N ARG A 223 -15.27 3.10 -1.97
CA ARG A 223 -14.49 2.36 -2.94
C ARG A 223 -13.20 1.87 -2.32
N VAL A 224 -12.78 0.65 -2.67
CA VAL A 224 -11.54 0.08 -2.15
C VAL A 224 -10.68 -0.41 -3.30
N ILE A 225 -9.39 -0.07 -3.26
CA ILE A 225 -8.41 -0.49 -4.26
C ILE A 225 -7.52 -1.54 -3.64
N SER A 226 -7.35 -2.66 -4.32
CA SER A 226 -6.66 -3.81 -3.73
C SER A 226 -5.18 -3.54 -3.54
N VAL A 227 -4.57 -2.75 -4.43
CA VAL A 227 -3.13 -2.51 -4.33
C VAL A 227 -2.77 -1.43 -3.32
N ALA A 228 -3.75 -0.75 -2.75
CA ALA A 228 -3.51 0.33 -1.79
C ALA A 228 -3.77 -0.12 -0.37
N GLY A 229 -3.46 -1.36 -0.03
CA GLY A 229 -3.63 -1.82 1.33
C GLY A 229 -5.05 -2.05 1.75
N TYR A 230 -5.96 -2.25 0.80
CA TYR A 230 -7.37 -2.53 1.10
C TYR A 230 -7.98 -1.45 1.98
N ALA A 231 -7.63 -0.20 1.72
CA ALA A 231 -8.11 0.93 2.52
C ALA A 231 -9.21 1.66 1.79
N PHE A 232 -10.18 2.16 2.54
CA PHE A 232 -11.32 2.88 1.98
C PHE A 232 -10.83 4.21 1.44
N ASP A 233 -10.59 4.27 0.14
CA ASP A 233 -9.98 5.47 -0.46
C ASP A 233 -10.99 6.60 -0.60
N ILE A 234 -12.05 6.37 -1.37
CA ILE A 234 -13.01 7.41 -1.70
C ILE A 234 -14.36 7.05 -1.07
N TRP A 235 -14.91 7.99 -0.33
CA TRP A 235 -16.19 7.83 0.34
C TRP A 235 -17.28 8.62 -0.39
N GLY A 236 -18.52 8.43 0.06
CA GLY A 236 -19.65 9.13 -0.50
C GLY A 236 -20.15 10.22 0.44
N GLN A 237 -21.18 10.92 -0.04
CA GLN A 237 -21.79 11.98 0.77
C GLN A 237 -22.42 11.41 2.03
N GLY A 238 -23.14 10.30 1.90
CA GLY A 238 -23.78 9.68 3.05
C GLY A 238 -25.09 10.34 3.41
N THR A 239 -26.10 9.54 3.73
CA THR A 239 -27.41 10.08 4.08
C THR A 239 -27.97 9.34 5.28
N MET A 240 -28.80 10.03 6.05
CA MET A 240 -29.38 9.47 7.27
C MET A 240 -30.76 8.90 6.98
N VAL A 241 -31.09 7.81 7.67
CA VAL A 241 -32.38 7.15 7.56
C VAL A 241 -32.91 6.91 8.96
N THR A 242 -34.14 7.35 9.21
CA THR A 242 -34.79 7.22 10.51
C THR A 242 -36.02 6.33 10.36
N VAL A 243 -36.15 5.36 11.25
CA VAL A 243 -37.27 4.42 11.24
C VAL A 243 -38.22 4.84 12.36
N SER A 244 -39.40 5.31 11.99
CA SER A 244 -40.36 5.81 12.96
C SER A 244 -41.75 5.78 12.33
N SER A 245 -42.76 5.92 13.18
CA SER A 245 -44.15 5.95 12.73
C SER A 245 -44.43 7.22 11.92
N ASN B 320 42.51 -5.30 -25.56
CA ASN B 320 43.16 -4.30 -26.39
C ASN B 320 42.13 -3.52 -27.21
N ILE B 321 40.91 -4.06 -27.29
CA ILE B 321 39.84 -3.40 -28.03
C ILE B 321 39.48 -2.08 -27.37
N THR B 322 39.07 -1.11 -28.18
CA THR B 322 38.83 0.25 -27.72
C THR B 322 37.41 0.67 -28.09
N ASN B 323 36.45 0.36 -27.23
CA ASN B 323 35.10 0.90 -27.32
C ASN B 323 34.50 0.97 -25.93
N LEU B 324 33.84 2.09 -25.64
CA LEU B 324 33.40 2.34 -24.27
C LEU B 324 32.20 1.48 -23.92
N CYS B 325 32.19 0.99 -22.68
CA CYS B 325 31.06 0.22 -22.19
C CYS B 325 29.82 1.11 -22.07
N PRO B 326 28.64 0.54 -22.26
CA PRO B 326 27.39 1.32 -22.18
C PRO B 326 26.95 1.59 -20.74
N PHE B 327 27.89 2.03 -19.91
CA PHE B 327 27.52 2.43 -18.55
C PHE B 327 26.64 3.67 -18.56
N GLY B 328 26.67 4.44 -19.65
CA GLY B 328 25.89 5.65 -19.70
C GLY B 328 24.39 5.40 -19.65
N GLU B 329 23.92 4.42 -20.42
CA GLU B 329 22.48 4.24 -20.54
C GLU B 329 21.90 3.51 -19.33
N VAL B 330 22.69 2.66 -18.69
CA VAL B 330 22.20 1.93 -17.52
C VAL B 330 21.90 2.92 -16.39
N PHE B 331 22.87 3.78 -16.08
CA PHE B 331 22.69 4.69 -14.95
C PHE B 331 21.76 5.84 -15.30
N ASN B 332 21.75 6.27 -16.56
CA ASN B 332 20.94 7.42 -16.97
C ASN B 332 19.71 7.02 -17.76
N ALA B 333 19.17 5.82 -17.51
CA ALA B 333 17.92 5.43 -18.13
C ALA B 333 16.77 6.24 -17.53
N THR B 334 15.75 6.49 -18.35
CA THR B 334 14.63 7.31 -17.90
C THR B 334 13.71 6.57 -16.94
N ARG B 335 13.58 5.25 -17.09
CA ARG B 335 12.63 4.48 -16.31
C ARG B 335 13.30 3.25 -15.72
N PHE B 336 13.10 3.03 -14.43
CA PHE B 336 13.53 1.81 -13.77
C PHE B 336 12.31 0.97 -13.39
N ALA B 337 12.46 -0.35 -13.53
CA ALA B 337 11.35 -1.26 -13.31
C ALA B 337 11.14 -1.49 -11.82
N SER B 338 10.01 -2.13 -11.50
CA SER B 338 9.67 -2.44 -10.12
C SER B 338 10.67 -3.44 -9.55
N VAL B 339 10.69 -3.53 -8.21
CA VAL B 339 11.68 -4.40 -7.58
C VAL B 339 11.39 -5.86 -7.87
N TYR B 340 10.13 -6.23 -8.07
CA TYR B 340 9.80 -7.64 -8.26
C TYR B 340 9.98 -8.11 -9.70
N ALA B 341 10.31 -7.21 -10.63
CA ALA B 341 10.53 -7.54 -12.03
C ALA B 341 11.80 -6.87 -12.53
N TRP B 342 12.88 -7.00 -11.76
CA TRP B 342 14.08 -6.24 -12.02
C TRP B 342 14.72 -6.64 -13.35
N ASN B 343 15.32 -5.66 -14.02
CA ASN B 343 16.00 -5.91 -15.27
C ASN B 343 17.37 -6.53 -15.04
N ARG B 344 17.95 -7.03 -16.12
CA ARG B 344 19.30 -7.58 -16.11
C ARG B 344 19.91 -7.35 -17.48
N LYS B 345 21.17 -6.92 -17.50
CA LYS B 345 21.84 -6.59 -18.75
C LYS B 345 23.25 -7.15 -18.77
N ARG B 346 23.65 -7.65 -19.93
CA ARG B 346 25.01 -8.13 -20.19
C ARG B 346 25.87 -6.99 -20.72
N ILE B 347 27.07 -6.87 -20.17
CA ILE B 347 28.06 -5.92 -20.65
C ILE B 347 29.30 -6.72 -21.05
N SER B 348 29.75 -6.55 -22.29
CA SER B 348 30.85 -7.36 -22.78
C SER B 348 31.57 -6.62 -23.91
N ASN B 349 32.79 -7.07 -24.19
CA ASN B 349 33.58 -6.59 -25.32
C ASN B 349 33.75 -5.07 -25.29
N CYS B 350 34.13 -4.56 -24.11
CA CYS B 350 34.35 -3.13 -23.97
C CYS B 350 35.28 -2.89 -22.80
N VAL B 351 35.90 -1.72 -22.79
CA VAL B 351 36.76 -1.31 -21.69
C VAL B 351 35.95 -0.43 -20.74
N ALA B 352 35.96 -0.79 -19.47
CA ALA B 352 35.12 -0.15 -18.47
C ALA B 352 35.98 0.75 -17.59
N ASP B 353 35.66 2.04 -17.56
CA ASP B 353 36.36 3.00 -16.72
C ASP B 353 35.51 3.25 -15.49
N TYR B 354 35.90 2.65 -14.37
CA TYR B 354 35.15 2.77 -13.14
C TYR B 354 35.54 3.99 -12.31
N SER B 355 36.52 4.77 -12.75
CA SER B 355 36.90 5.95 -11.99
C SER B 355 35.82 7.03 -12.06
N VAL B 356 35.15 7.15 -13.20
CA VAL B 356 34.15 8.21 -13.35
C VAL B 356 32.99 8.00 -12.38
N LEU B 357 32.60 6.75 -12.15
CA LEU B 357 31.51 6.48 -11.23
C LEU B 357 31.86 6.88 -9.81
N TYR B 358 33.05 6.50 -9.34
CA TYR B 358 33.35 6.66 -7.92
C TYR B 358 33.47 8.13 -7.53
N ASN B 359 34.15 8.92 -8.33
CA ASN B 359 34.31 10.35 -7.98
C ASN B 359 33.19 11.19 -8.58
N SER B 360 31.95 10.77 -8.35
CA SER B 360 30.79 11.50 -8.83
C SER B 360 30.06 12.26 -7.74
N ALA B 361 30.13 11.78 -6.49
CA ALA B 361 29.55 12.46 -5.33
C ALA B 361 28.04 12.57 -5.43
N SER B 362 27.45 12.00 -6.47
CA SER B 362 26.01 11.98 -6.63
C SER B 362 25.38 10.68 -6.16
N PHE B 363 26.19 9.76 -5.61
CA PHE B 363 25.70 8.49 -5.12
C PHE B 363 25.70 8.51 -3.59
N SER B 364 24.56 8.15 -2.99
CA SER B 364 24.47 8.12 -1.55
C SER B 364 25.27 6.96 -0.96
N THR B 365 25.20 5.79 -1.59
CA THR B 365 25.83 4.58 -1.07
C THR B 365 26.63 3.91 -2.17
N PHE B 366 27.88 3.57 -1.88
CA PHE B 366 28.75 2.86 -2.81
C PHE B 366 29.55 1.85 -1.98
N LYS B 367 29.02 0.64 -1.87
CA LYS B 367 29.61 -0.38 -1.02
C LYS B 367 30.01 -1.57 -1.87
N CYS B 368 31.21 -2.09 -1.62
CA CYS B 368 31.79 -3.15 -2.43
C CYS B 368 32.16 -4.34 -1.56
N TYR B 369 31.75 -5.53 -1.99
CA TYR B 369 31.97 -6.77 -1.26
C TYR B 369 32.96 -7.64 -2.01
N GLY B 370 34.00 -8.11 -1.32
CA GLY B 370 34.99 -8.99 -1.92
C GLY B 370 35.96 -8.33 -2.86
N VAL B 371 35.68 -7.12 -3.32
CA VAL B 371 36.55 -6.39 -4.23
C VAL B 371 36.58 -4.93 -3.79
N SER B 372 37.76 -4.35 -3.71
CA SER B 372 37.78 -2.98 -3.21
C SER B 372 37.81 -1.98 -4.36
N PRO B 373 37.07 -0.86 -4.26
CA PRO B 373 37.14 0.16 -5.31
C PRO B 373 38.49 0.85 -5.31
N THR B 374 38.69 1.77 -6.25
CA THR B 374 39.97 2.44 -6.53
C THR B 374 40.99 1.48 -7.13
N LYS B 375 40.67 0.20 -7.23
CA LYS B 375 41.47 -0.76 -7.99
C LYS B 375 40.68 -1.40 -9.10
N LEU B 376 39.42 -1.01 -9.29
CA LEU B 376 38.58 -1.61 -10.32
C LEU B 376 39.06 -1.26 -11.72
N ASN B 377 39.83 -0.20 -11.88
CA ASN B 377 40.32 0.13 -13.22
C ASN B 377 41.33 -0.90 -13.70
N ASP B 378 41.92 -1.67 -12.80
CA ASP B 378 42.68 -2.86 -13.15
C ASP B 378 41.76 -4.06 -13.10
N LEU B 379 42.33 -5.28 -13.13
CA LEU B 379 41.57 -6.52 -13.05
C LEU B 379 40.78 -6.76 -14.32
N CYS B 380 40.64 -8.01 -14.75
CA CYS B 380 39.83 -8.34 -15.91
C CYS B 380 38.77 -9.37 -15.50
N PHE B 381 37.57 -9.19 -16.00
CA PHE B 381 36.42 -10.02 -15.66
C PHE B 381 35.97 -10.81 -16.87
N THR B 382 35.36 -11.97 -16.61
CA THR B 382 34.77 -12.75 -17.68
C THR B 382 33.57 -12.03 -18.28
N ASN B 383 32.55 -11.78 -17.45
CA ASN B 383 31.45 -10.92 -17.84
C ASN B 383 30.81 -10.34 -16.58
N VAL B 384 30.22 -9.16 -16.72
CA VAL B 384 29.61 -8.47 -15.60
C VAL B 384 28.10 -8.48 -15.79
N TYR B 385 27.40 -8.01 -14.76
CA TYR B 385 25.95 -7.94 -14.79
C TYR B 385 25.49 -6.65 -14.13
N ALA B 386 24.41 -6.07 -14.65
CA ALA B 386 23.85 -4.85 -14.10
C ALA B 386 22.38 -5.09 -13.79
N ASP B 387 22.05 -5.11 -12.50
CA ASP B 387 20.68 -5.31 -12.03
C ASP B 387 20.16 -3.97 -11.51
N SER B 388 19.00 -3.55 -11.99
CA SER B 388 18.48 -2.23 -11.65
C SER B 388 17.02 -2.32 -11.26
N PHE B 389 16.62 -1.48 -10.30
CA PHE B 389 15.24 -1.39 -9.82
C PHE B 389 15.14 -0.15 -8.95
N VAL B 390 13.97 0.03 -8.33
CA VAL B 390 13.73 1.16 -7.43
C VAL B 390 12.97 0.66 -6.21
N ILE B 391 13.40 1.08 -5.03
CA ILE B 391 12.82 0.65 -3.76
C ILE B 391 12.69 1.86 -2.84
N ARG B 392 12.21 1.62 -1.63
CA ARG B 392 12.04 2.66 -0.64
C ARG B 392 13.38 2.98 0.01
N GLY B 393 13.49 4.21 0.52
CA GLY B 393 14.77 4.67 1.02
C GLY B 393 15.29 3.87 2.21
N ASP B 394 14.40 3.54 3.14
CA ASP B 394 14.83 2.84 4.35
C ASP B 394 15.31 1.43 4.02
N GLU B 395 14.65 0.77 3.07
CA GLU B 395 14.88 -0.64 2.77
C GLU B 395 16.21 -0.91 2.08
N VAL B 396 17.07 0.10 1.92
CA VAL B 396 18.31 -0.08 1.17
C VAL B 396 19.24 -1.05 1.89
N ARG B 397 19.24 -1.04 3.21
CA ARG B 397 20.19 -1.87 3.95
C ARG B 397 19.94 -3.36 3.75
N GLN B 398 18.80 -3.74 3.18
CA GLN B 398 18.53 -5.14 2.93
C GLN B 398 19.22 -5.69 1.69
N ILE B 399 19.83 -4.83 0.88
CA ILE B 399 20.55 -5.27 -0.33
C ILE B 399 22.00 -5.49 0.10
N ALA B 400 22.28 -6.69 0.61
CA ALA B 400 23.60 -7.08 1.08
C ALA B 400 23.59 -8.56 1.39
N PRO B 401 24.71 -9.26 1.27
CA PRO B 401 24.72 -10.69 1.54
C PRO B 401 24.37 -10.98 3.00
N GLY B 402 23.62 -12.05 3.21
CA GLY B 402 23.30 -12.49 4.55
C GLY B 402 22.25 -11.69 5.28
N GLN B 403 21.54 -10.81 4.59
CA GLN B 403 20.47 -10.03 5.20
C GLN B 403 19.12 -10.65 4.91
N THR B 404 18.17 -10.44 5.83
CA THR B 404 16.85 -11.03 5.74
C THR B 404 15.78 -9.95 5.90
N GLY B 405 14.63 -10.21 5.29
CA GLY B 405 13.54 -9.25 5.33
C GLY B 405 12.57 -9.52 4.20
N LYS B 406 11.67 -8.55 4.01
CA LYS B 406 10.69 -8.68 2.93
C LYS B 406 11.37 -8.70 1.56
N ILE B 407 12.33 -7.80 1.35
CA ILE B 407 13.00 -7.75 0.06
C ILE B 407 13.92 -8.96 -0.13
N ALA B 408 14.69 -9.30 0.89
CA ALA B 408 15.67 -10.36 0.75
C ALA B 408 15.05 -11.75 0.74
N ASP B 409 13.76 -11.86 1.00
CA ASP B 409 13.08 -13.16 0.96
C ASP B 409 12.18 -13.33 -0.24
N TYR B 410 11.36 -12.33 -0.56
CA TYR B 410 10.33 -12.48 -1.56
C TYR B 410 10.60 -11.71 -2.86
N ASN B 411 11.57 -10.80 -2.87
CA ASN B 411 11.75 -9.93 -4.02
C ASN B 411 13.10 -10.12 -4.72
N TYR B 412 14.21 -10.00 -4.00
CA TYR B 412 15.52 -9.99 -4.63
C TYR B 412 16.55 -10.44 -3.62
N LYS B 413 17.12 -11.63 -3.81
CA LYS B 413 18.05 -12.21 -2.86
C LYS B 413 19.41 -12.39 -3.50
N LEU B 414 20.46 -11.96 -2.79
CA LEU B 414 21.87 -12.06 -3.16
C LEU B 414 22.50 -13.28 -2.53
N PRO B 415 23.41 -13.96 -3.23
CA PRO B 415 24.04 -15.15 -2.66
C PRO B 415 24.99 -14.78 -1.53
N ASP B 416 25.47 -15.81 -0.85
CA ASP B 416 26.41 -15.62 0.25
C ASP B 416 27.82 -15.31 -0.22
N ASP B 417 28.17 -15.70 -1.44
CA ASP B 417 29.52 -15.48 -1.98
C ASP B 417 29.54 -14.35 -3.00
N PHE B 418 28.80 -13.28 -2.74
CA PHE B 418 28.71 -12.18 -3.69
C PHE B 418 30.06 -11.52 -3.87
N THR B 419 30.36 -11.10 -5.10
CA THR B 419 31.59 -10.41 -5.45
C THR B 419 31.22 -9.27 -6.40
N GLY B 420 30.97 -8.10 -5.85
CA GLY B 420 30.51 -6.99 -6.66
C GLY B 420 30.40 -5.74 -5.85
N CYS B 421 29.60 -4.79 -6.34
CA CYS B 421 29.41 -3.52 -5.69
C CYS B 421 27.96 -3.10 -5.79
N VAL B 422 27.50 -2.31 -4.83
CA VAL B 422 26.12 -1.83 -4.75
C VAL B 422 26.13 -0.32 -4.77
N ILE B 423 25.35 0.28 -5.66
CA ILE B 423 25.31 1.72 -5.83
C ILE B 423 23.87 2.18 -5.70
N ALA B 424 23.62 3.18 -4.88
CA ALA B 424 22.28 3.72 -4.69
C ALA B 424 22.33 5.22 -4.53
N TRP B 425 21.27 5.89 -4.97
CA TRP B 425 21.19 7.33 -4.84
C TRP B 425 19.74 7.76 -4.81
N ASN B 426 19.47 8.83 -4.05
CA ASN B 426 18.11 9.33 -3.91
C ASN B 426 17.59 9.87 -5.23
N SER B 427 16.31 9.66 -5.48
CA SER B 427 15.68 10.09 -6.73
C SER B 427 14.30 10.67 -6.46
N ASN B 428 14.18 11.48 -5.41
CA ASN B 428 12.87 11.97 -4.99
C ASN B 428 12.24 12.92 -6.00
N ASN B 429 13.01 13.49 -6.92
CA ASN B 429 12.49 14.48 -7.84
C ASN B 429 12.15 13.91 -9.21
N LEU B 430 12.20 12.60 -9.39
CA LEU B 430 11.86 11.96 -10.65
C LEU B 430 10.81 10.88 -10.54
N ASP B 431 10.79 10.12 -9.45
CA ASP B 431 9.92 8.97 -9.31
C ASP B 431 8.67 9.25 -8.47
N SER B 432 8.43 10.50 -8.12
CA SER B 432 7.27 10.86 -7.32
C SER B 432 6.34 11.75 -8.13
N LYS B 433 5.04 11.65 -7.83
CA LYS B 433 4.03 12.42 -8.52
C LYS B 433 3.15 13.14 -7.51
N VAL B 434 2.49 14.20 -7.97
CA VAL B 434 1.62 14.98 -7.08
C VAL B 434 0.46 14.12 -6.60
N GLY B 435 -0.16 13.37 -7.49
CA GLY B 435 -1.29 12.54 -7.13
C GLY B 435 -0.95 11.21 -6.49
N GLY B 436 0.34 10.91 -6.30
CA GLY B 436 0.74 9.64 -5.74
C GLY B 436 1.07 8.64 -6.82
N ASN B 437 2.31 8.16 -6.85
CA ASN B 437 2.76 7.25 -7.89
C ASN B 437 2.43 5.83 -7.47
N TYR B 438 1.55 5.17 -8.23
CA TYR B 438 1.15 3.79 -7.96
C TYR B 438 1.68 2.84 -9.02
N ASN B 439 2.70 3.24 -9.77
CA ASN B 439 3.29 2.39 -10.80
C ASN B 439 4.45 1.56 -10.30
N TYR B 440 4.76 1.64 -9.00
CA TYR B 440 5.81 0.84 -8.40
C TYR B 440 5.19 -0.11 -7.37
N LEU B 441 5.47 -1.40 -7.51
CA LEU B 441 4.88 -2.42 -6.67
C LEU B 441 5.97 -3.29 -6.08
N TYR B 442 5.58 -4.15 -5.14
CA TYR B 442 6.50 -5.10 -4.54
C TYR B 442 5.70 -6.25 -3.97
N ARG B 443 6.29 -7.45 -4.01
CA ARG B 443 5.63 -8.65 -3.54
C ARG B 443 5.67 -8.72 -2.03
N LEU B 444 4.58 -9.18 -1.44
CA LEU B 444 4.44 -9.22 0.01
C LEU B 444 4.30 -10.62 0.58
N PHE B 445 3.56 -11.51 -0.10
CA PHE B 445 3.34 -12.87 0.38
C PHE B 445 3.93 -13.86 -0.62
N ARG B 446 4.57 -14.90 -0.09
CA ARG B 446 5.07 -15.99 -0.91
C ARG B 446 5.14 -17.24 -0.07
N LYS B 447 4.98 -18.40 -0.72
CA LYS B 447 4.95 -19.67 0.02
C LYS B 447 6.30 -19.97 0.67
N SER B 448 7.40 -19.75 -0.06
CA SER B 448 8.72 -20.04 0.48
C SER B 448 9.72 -19.04 -0.08
N ASN B 449 10.85 -18.92 0.62
CA ASN B 449 11.83 -17.90 0.30
C ASN B 449 12.43 -18.14 -1.09
N LEU B 450 13.17 -17.15 -1.56
CA LEU B 450 13.76 -17.21 -2.89
C LEU B 450 15.17 -17.76 -2.84
N LYS B 451 15.57 -18.41 -3.91
CA LYS B 451 16.96 -18.77 -4.11
C LYS B 451 17.71 -17.60 -4.74
N PRO B 452 19.02 -17.53 -4.55
CA PRO B 452 19.77 -16.38 -5.06
C PRO B 452 19.60 -16.19 -6.56
N PHE B 453 19.44 -14.94 -6.97
CA PHE B 453 19.36 -14.52 -8.36
C PHE B 453 18.19 -15.17 -9.11
N GLU B 454 17.12 -15.51 -8.41
CA GLU B 454 15.94 -16.09 -9.03
C GLU B 454 14.81 -15.06 -9.01
N ARG B 455 14.13 -14.90 -10.13
CA ARG B 455 13.07 -13.91 -10.27
C ARG B 455 11.72 -14.59 -10.41
N ASP B 456 10.73 -14.10 -9.68
CA ASP B 456 9.36 -14.57 -9.77
C ASP B 456 8.48 -13.43 -10.25
N ILE B 457 7.67 -13.71 -11.27
CA ILE B 457 6.85 -12.67 -11.89
C ILE B 457 5.35 -12.92 -11.75
N SER B 458 4.93 -14.15 -11.44
CA SER B 458 3.51 -14.51 -11.41
C SER B 458 2.71 -13.67 -10.44
N THR B 459 1.40 -13.55 -10.68
CA THR B 459 0.52 -12.76 -9.83
C THR B 459 -0.71 -13.55 -9.40
N GLU B 460 -0.55 -14.85 -9.11
CA GLU B 460 -1.67 -15.64 -8.65
C GLU B 460 -2.01 -15.28 -7.20
N ILE B 461 -3.26 -15.55 -6.83
CA ILE B 461 -3.77 -15.12 -5.54
C ILE B 461 -3.23 -16.02 -4.44
N TYR B 462 -2.62 -15.40 -3.43
CA TYR B 462 -2.06 -16.14 -2.31
C TYR B 462 -3.17 -16.72 -1.45
N GLN B 463 -2.95 -17.93 -0.96
CA GLN B 463 -3.95 -18.65 -0.16
C GLN B 463 -3.44 -18.70 1.27
N ALA B 464 -3.98 -17.82 2.12
CA ALA B 464 -3.50 -17.67 3.48
C ALA B 464 -4.28 -18.49 4.49
N GLY B 465 -5.24 -19.29 4.04
CA GLY B 465 -6.06 -20.04 4.98
C GLY B 465 -6.34 -21.47 4.53
N SER B 466 -7.20 -22.16 5.28
CA SER B 466 -7.53 -23.54 4.97
C SER B 466 -8.46 -23.69 3.78
N THR B 467 -9.27 -22.68 3.50
CA THR B 467 -10.24 -22.78 2.41
C THR B 467 -9.58 -22.37 1.10
N PRO B 468 -9.51 -23.25 0.10
CA PRO B 468 -8.92 -22.86 -1.18
C PRO B 468 -9.68 -21.72 -1.83
N CYS B 469 -8.94 -20.84 -2.51
CA CYS B 469 -9.52 -19.64 -3.09
C CYS B 469 -10.02 -19.85 -4.51
N ASN B 470 -9.48 -20.84 -5.23
CA ASN B 470 -9.91 -21.17 -6.58
C ASN B 470 -9.72 -20.00 -7.54
N GLY B 471 -8.72 -19.15 -7.28
CA GLY B 471 -8.40 -18.09 -8.21
C GLY B 471 -9.25 -16.84 -8.12
N VAL B 472 -10.02 -16.68 -7.06
CA VAL B 472 -10.80 -15.46 -6.83
C VAL B 472 -10.44 -14.92 -5.45
N GLU B 473 -10.32 -13.60 -5.35
CA GLU B 473 -9.92 -13.00 -4.08
C GLU B 473 -11.11 -12.86 -3.15
N GLY B 474 -10.81 -12.78 -1.86
CA GLY B 474 -11.83 -12.68 -0.85
C GLY B 474 -11.20 -12.75 0.54
N PHE B 475 -12.02 -13.05 1.53
CA PHE B 475 -11.51 -13.25 2.87
C PHE B 475 -10.51 -14.38 2.88
N ASN B 476 -9.35 -14.12 3.48
CA ASN B 476 -8.23 -15.06 3.51
C ASN B 476 -7.76 -15.41 2.10
N CYS B 477 -7.96 -14.50 1.15
CA CYS B 477 -7.51 -14.66 -0.23
C CYS B 477 -7.02 -13.29 -0.69
N TYR B 478 -5.72 -13.05 -0.50
CA TYR B 478 -5.14 -11.72 -0.69
C TYR B 478 -4.39 -11.64 -2.02
N PHE B 479 -4.50 -10.50 -2.68
CA PHE B 479 -3.66 -10.23 -3.84
C PHE B 479 -2.21 -10.11 -3.37
N PRO B 480 -1.25 -10.67 -4.09
CA PRO B 480 0.12 -10.77 -3.56
C PRO B 480 0.99 -9.55 -3.76
N LEU B 481 0.47 -8.47 -4.36
CA LEU B 481 1.29 -7.30 -4.67
C LEU B 481 0.70 -6.06 -4.01
N GLN B 482 1.57 -5.14 -3.61
CA GLN B 482 1.16 -3.91 -2.96
C GLN B 482 1.97 -2.75 -3.51
N SER B 483 1.41 -1.54 -3.37
CA SER B 483 1.98 -0.34 -3.98
C SER B 483 2.74 0.49 -2.96
N TYR B 484 3.84 1.09 -3.41
CA TYR B 484 4.64 1.92 -2.52
C TYR B 484 3.96 3.27 -2.26
N GLY B 485 3.38 3.87 -3.28
CA GLY B 485 2.71 5.15 -3.12
C GLY B 485 3.64 6.29 -2.78
N PHE B 486 4.58 6.58 -3.67
CA PHE B 486 5.53 7.66 -3.43
C PHE B 486 4.87 9.01 -3.59
N GLN B 487 5.30 9.97 -2.77
CA GLN B 487 4.80 11.33 -2.81
C GLN B 487 5.94 12.30 -2.52
N PRO B 488 5.87 13.52 -3.08
CA PRO B 488 6.96 14.48 -2.86
C PRO B 488 7.10 14.93 -1.43
N THR B 489 6.07 14.79 -0.61
CA THR B 489 6.10 15.29 0.76
C THR B 489 6.45 14.21 1.78
N ASN B 490 6.81 13.02 1.34
CA ASN B 490 7.14 11.95 2.28
C ASN B 490 8.47 12.24 2.97
N GLY B 491 8.68 11.57 4.10
CA GLY B 491 9.93 11.69 4.81
C GLY B 491 11.07 11.05 4.05
N VAL B 492 12.29 11.41 4.46
CA VAL B 492 13.49 10.92 3.77
C VAL B 492 13.60 9.41 3.87
N GLY B 493 13.01 8.82 4.90
CA GLY B 493 13.00 7.38 5.00
C GLY B 493 12.03 6.69 4.06
N TYR B 494 11.11 7.44 3.46
CA TYR B 494 10.08 6.89 2.59
C TYR B 494 10.16 7.47 1.18
N GLN B 495 11.34 7.82 0.73
CA GLN B 495 11.47 8.38 -0.59
C GLN B 495 12.08 7.38 -1.56
N PRO B 496 11.73 7.44 -2.83
CA PRO B 496 12.26 6.45 -3.79
C PRO B 496 13.77 6.55 -3.93
N TYR B 497 14.40 5.38 -4.03
CA TYR B 497 15.83 5.27 -4.25
C TYR B 497 16.09 4.33 -5.42
N ARG B 498 17.04 4.70 -6.27
CA ARG B 498 17.42 3.87 -7.40
C ARG B 498 18.68 3.09 -7.05
N VAL B 499 18.69 1.80 -7.40
CA VAL B 499 19.77 0.90 -7.03
C VAL B 499 20.25 0.16 -8.27
N VAL B 500 21.58 0.01 -8.38
CA VAL B 500 22.19 -0.77 -9.44
C VAL B 500 23.23 -1.69 -8.83
N VAL B 501 23.09 -2.99 -9.05
CA VAL B 501 23.98 -3.99 -8.48
C VAL B 501 24.85 -4.55 -9.59
N LEU B 502 26.17 -4.49 -9.41
CA LEU B 502 27.11 -5.02 -10.37
C LEU B 502 27.68 -6.34 -9.86
N SER B 503 27.61 -7.37 -10.70
CA SER B 503 28.10 -8.69 -10.35
C SER B 503 29.25 -9.05 -11.27
N PHE B 504 30.38 -9.39 -10.68
CA PHE B 504 31.55 -9.84 -11.43
C PHE B 504 31.72 -11.34 -11.24
N GLU B 505 32.22 -12.00 -12.26
CA GLU B 505 32.58 -13.41 -12.17
C GLU B 505 34.06 -13.57 -12.50
N LEU B 506 34.82 -14.12 -11.56
CA LEU B 506 36.24 -14.29 -11.74
C LEU B 506 36.62 -15.76 -11.80
N ALA B 509 38.53 -18.91 -18.63
CA ALA B 509 37.72 -18.32 -19.69
C ALA B 509 38.34 -17.03 -20.19
N PRO B 510 38.20 -16.76 -21.50
CA PRO B 510 38.75 -15.51 -22.06
C PRO B 510 38.05 -14.28 -21.51
N ALA B 511 38.76 -13.50 -20.70
CA ALA B 511 38.20 -12.26 -20.18
C ALA B 511 37.96 -11.29 -21.32
N THR B 512 36.86 -10.54 -21.24
CA THR B 512 36.51 -9.62 -22.30
C THR B 512 36.39 -8.16 -21.84
N VAL B 513 36.00 -7.91 -20.60
CA VAL B 513 35.78 -6.56 -20.10
C VAL B 513 36.80 -6.26 -19.02
N CYS B 514 37.60 -5.22 -19.24
CA CYS B 514 38.47 -4.68 -18.19
C CYS B 514 39.10 -3.38 -18.64
N GLY B 515 39.30 -2.49 -17.67
CA GLY B 515 39.66 -1.13 -17.94
C GLY B 515 41.09 -0.99 -18.40
N PRO B 516 41.52 0.25 -18.63
CA PRO B 516 42.84 0.57 -19.18
C PRO B 516 43.95 0.49 -18.14
#